data_5K1P
#
_entry.id   5K1P
#
_cell.length_a   102.493
_cell.length_b   44.358
_cell.length_c   64.314
_cell.angle_alpha   90.00
_cell.angle_beta   99.92
_cell.angle_gamma   90.00
#
_symmetry.space_group_name_H-M   'C 1 2 1'
#
loop_
_entity.id
_entity.type
_entity.pdbx_description
1 polymer 'Pyrrolysine--tRNA ligase'
2 non-polymer 'PHOSPHOAMINOPHOSPHONIC ACID-ADENYLATE ESTER'
3 non-polymer 'MAGNESIUM ION'
4 water water
#
_entity_poly.entity_id   1
_entity_poly.type   'polypeptide(L)'
_entity_poly.pdbx_seq_one_letter_code
;MPALTKSQTDRLEVLLNPKDEISLNSGKPFRELESELLSRRKKDLQQIYAEERENYLGKLEREITRFFVDRGFLEIKSPI
LIPLEYIERMGIDNDTELSKQIFRVDKNFCLRPMLAPNLYNYLRKLDRALPDPIKIFEIGPCYRKESDGKEHLEEFTMLA
FAQMGSGCTRENLESIITDFLNHLGIDFKIVGDSCMVYGDTLDVMHGDLELSSAVVGPIPLDREWGIDKPWIGAGFGLER
LLKVKHDFKNIKRAARSESYYNGISTNLHHHHHH
;
_entity_poly.pdbx_strand_id   A
#
loop_
_chem_comp.id
_chem_comp.type
_chem_comp.name
_chem_comp.formula
ANP non-polymer 'PHOSPHOAMINOPHOSPHONIC ACID-ADENYLATE ESTER' 'C10 H17 N6 O12 P3'
MG non-polymer 'MAGNESIUM ION' 'Mg 2'
#
# COMPACT_ATOMS: atom_id res chain seq x y z
N ALA A 3 27.03 -28.04 3.82
CA ALA A 3 26.64 -26.94 2.96
C ALA A 3 25.18 -27.08 2.48
N LEU A 4 24.44 -25.97 2.48
CA LEU A 4 23.06 -25.96 2.02
C LEU A 4 23.00 -25.60 0.54
N THR A 5 22.10 -26.26 -0.18
CA THR A 5 21.84 -25.90 -1.56
C THR A 5 21.00 -24.64 -1.59
N LYS A 6 20.94 -24.03 -2.78
CA LYS A 6 20.10 -22.86 -2.97
C LYS A 6 18.63 -23.17 -2.67
N SER A 7 18.15 -24.35 -3.05
CA SER A 7 16.77 -24.73 -2.76
C SER A 7 16.53 -24.80 -1.26
N GLN A 8 17.50 -25.33 -0.53
CA GLN A 8 17.34 -25.45 0.92
C GLN A 8 17.38 -24.09 1.59
N THR A 9 18.31 -23.22 1.17
CA THR A 9 18.37 -21.88 1.70
C THR A 9 17.09 -21.12 1.43
N ASP A 10 16.55 -21.22 0.20
CA ASP A 10 15.31 -20.52 -0.11
C ASP A 10 14.17 -21.01 0.77
N ARG A 11 14.10 -22.31 1.02
CA ARG A 11 13.04 -22.87 1.86
C ARG A 11 13.16 -22.36 3.29
N LEU A 12 14.39 -22.33 3.83
CA LEU A 12 14.56 -21.81 5.17
C LEU A 12 14.22 -20.32 5.23
N GLU A 13 14.57 -19.56 4.19
CA GLU A 13 14.21 -18.13 4.20
C GLU A 13 12.68 -17.93 4.27
N VAL A 14 11.91 -18.78 3.61
CA VAL A 14 10.46 -18.68 3.66
C VAL A 14 9.95 -18.86 5.07
N LEU A 15 10.57 -19.79 5.82
CA LEU A 15 10.14 -20.12 7.16
C LEU A 15 10.71 -19.22 8.23
N LEU A 16 11.73 -18.42 7.91
CA LEU A 16 12.35 -17.56 8.88
C LEU A 16 11.52 -16.30 9.03
N ASN A 17 11.38 -15.84 10.26
CA ASN A 17 10.69 -14.59 10.51
C ASN A 17 11.64 -13.56 11.11
N PRO A 18 11.34 -12.28 10.96
CA PRO A 18 12.29 -11.24 11.41
C PRO A 18 12.69 -11.35 12.86
N LYS A 19 11.78 -11.77 13.75
CA LYS A 19 12.07 -11.86 15.18
C LYS A 19 13.00 -13.01 15.53
N ASP A 20 13.12 -14.01 14.66
CA ASP A 20 13.88 -15.20 15.00
C ASP A 20 15.33 -14.86 15.25
N GLU A 21 15.89 -15.43 16.30
CA GLU A 21 17.33 -15.36 16.53
C GLU A 21 17.94 -16.68 16.05
N ILE A 22 17.86 -16.88 14.73
CA ILE A 22 18.38 -18.08 14.08
C ILE A 22 19.11 -17.65 12.82
N SER A 23 20.30 -18.20 12.62
CA SER A 23 21.12 -17.92 11.44
C SER A 23 21.14 -19.15 10.54
N LEU A 24 20.89 -18.93 9.25
CA LEU A 24 21.01 -20.00 8.29
C LEU A 24 22.44 -20.28 7.90
N ASN A 25 23.36 -19.35 8.20
CA ASN A 25 24.77 -19.49 7.91
C ASN A 25 25.55 -20.09 9.08
N SER A 26 24.87 -20.78 9.98
CA SER A 26 25.45 -21.24 11.24
C SER A 26 26.14 -22.60 11.14
N GLY A 27 26.01 -23.30 10.03
CA GLY A 27 26.60 -24.60 9.88
C GLY A 27 25.73 -25.77 10.32
N LYS A 28 24.56 -25.50 10.90
CA LYS A 28 23.69 -26.59 11.35
C LYS A 28 23.06 -27.30 10.15
N PRO A 29 22.73 -28.59 10.28
CA PRO A 29 22.14 -29.33 9.17
C PRO A 29 20.78 -28.75 8.79
N PHE A 30 20.39 -29.01 7.53
CA PHE A 30 19.13 -28.48 7.03
C PHE A 30 17.96 -28.94 7.88
N ARG A 31 17.86 -30.25 8.12
CA ARG A 31 16.69 -30.77 8.83
C ARG A 31 16.55 -30.18 10.23
N GLU A 32 17.67 -29.90 10.91
CA GLU A 32 17.62 -29.29 12.23
C GLU A 32 17.03 -27.88 12.15
N LEU A 33 17.54 -27.06 11.22
CA LEU A 33 17.00 -25.72 11.04
C LEU A 33 15.54 -25.77 10.59
N GLU A 34 15.22 -26.64 9.64
CA GLU A 34 13.85 -26.76 9.15
C GLU A 34 12.89 -27.17 10.27
N SER A 35 13.28 -28.11 11.12
CA SER A 35 12.36 -28.57 12.15
C SER A 35 12.11 -27.50 13.19
N GLU A 36 13.16 -26.78 13.59
CA GLU A 36 12.98 -25.65 14.50
C GLU A 36 12.06 -24.60 13.90
N LEU A 37 12.29 -24.22 12.64
CA LEU A 37 11.47 -23.16 12.06
C LEU A 37 10.03 -23.61 11.85
N LEU A 38 9.83 -24.83 11.36
CA LEU A 38 8.45 -25.31 11.22
C LEU A 38 7.73 -25.28 12.57
N SER A 39 8.41 -25.66 13.64
CA SER A 39 7.77 -25.67 14.94
C SER A 39 7.40 -24.26 15.39
N ARG A 40 8.30 -23.30 15.16
CA ARG A 40 8.02 -21.91 15.51
C ARG A 40 6.83 -21.37 14.72
N ARG A 41 6.78 -21.65 13.41
CA ARG A 41 5.70 -21.09 12.61
C ARG A 41 4.34 -21.71 12.94
N LYS A 42 4.30 -23.02 13.20
CA LYS A 42 3.07 -23.65 13.66
C LYS A 42 2.60 -23.00 14.95
N LYS A 43 3.51 -22.83 15.91
CA LYS A 43 3.12 -22.18 17.17
C LYS A 43 2.65 -20.75 16.93
N ASP A 44 3.26 -20.04 15.97
CA ASP A 44 2.82 -18.67 15.68
C ASP A 44 1.39 -18.68 15.17
N LEU A 45 1.07 -19.57 14.23
CA LEU A 45 -0.29 -19.65 13.71
C LEU A 45 -1.29 -20.08 14.77
N GLN A 46 -0.89 -21.04 15.61
CA GLN A 46 -1.77 -21.50 16.68
C GLN A 46 -2.09 -20.34 17.62
N GLN A 47 -1.09 -19.49 17.93
CA GLN A 47 -1.35 -18.37 18.82
C GLN A 47 -2.29 -17.33 18.20
N ILE A 48 -2.08 -16.99 16.91
CA ILE A 48 -3.00 -16.09 16.22
C ILE A 48 -4.42 -16.64 16.27
N TYR A 49 -4.57 -17.94 16.01
CA TYR A 49 -5.89 -18.55 15.98
C TYR A 49 -6.53 -18.55 17.34
N ALA A 50 -5.73 -18.71 18.39
CA ALA A 50 -6.28 -18.75 19.73
C ALA A 50 -6.63 -17.37 20.27
N GLU A 51 -5.94 -16.30 19.86
N GLU A 51 -5.88 -16.31 19.88
CA GLU A 51 -6.23 -14.97 20.40
CA GLU A 51 -5.76 -15.06 20.63
C GLU A 51 -6.82 -14.07 19.34
C GLU A 51 -6.23 -13.77 19.95
N GLU A 52 -6.02 -13.31 18.59
N GLU A 52 -6.00 -13.58 18.65
CA GLU A 52 -6.56 -12.13 17.90
CA GLU A 52 -6.48 -12.37 17.99
C GLU A 52 -7.39 -12.50 16.66
C GLU A 52 -7.39 -12.67 16.81
N ARG A 53 -6.91 -13.43 15.85
CA ARG A 53 -7.61 -13.91 14.65
C ARG A 53 -7.79 -12.87 13.55
N GLU A 54 -7.19 -11.69 13.69
CA GLU A 54 -7.32 -10.63 12.70
C GLU A 54 -6.17 -10.65 11.70
N ASN A 55 -6.52 -10.45 10.44
CA ASN A 55 -5.57 -10.35 9.35
C ASN A 55 -4.90 -8.97 9.37
N TYR A 56 -3.59 -8.96 9.21
CA TYR A 56 -2.84 -7.70 9.28
C TYR A 56 -3.36 -6.67 8.28
N LEU A 57 -3.62 -7.07 7.04
CA LEU A 57 -4.07 -6.09 6.06
C LEU A 57 -5.46 -5.58 6.41
N GLY A 58 -6.36 -6.47 6.81
CA GLY A 58 -7.68 -6.04 7.25
C GLY A 58 -7.63 -5.13 8.46
N LYS A 59 -6.82 -5.52 9.47
CA LYS A 59 -6.71 -4.74 10.70
C LYS A 59 -6.16 -3.34 10.43
N LEU A 60 -5.16 -3.23 9.55
CA LEU A 60 -4.59 -1.94 9.23
C LEU A 60 -5.58 -1.08 8.48
N GLU A 61 -6.31 -1.66 7.51
CA GLU A 61 -7.38 -0.91 6.87
C GLU A 61 -8.36 -0.34 7.90
N ARG A 62 -8.77 -1.15 8.88
CA ARG A 62 -9.72 -0.68 9.88
C ARG A 62 -9.13 0.43 10.74
N GLU A 63 -7.86 0.30 11.12
CA GLU A 63 -7.19 1.32 11.92
C GLU A 63 -7.08 2.63 11.16
N ILE A 64 -6.67 2.54 9.88
CA ILE A 64 -6.57 3.73 9.03
C ILE A 64 -7.95 4.37 8.83
N THR A 65 -8.97 3.56 8.59
CA THR A 65 -10.31 4.10 8.39
C THR A 65 -10.74 4.90 9.60
N ARG A 66 -10.54 4.37 10.81
CA ARG A 66 -10.93 5.10 12.01
C ARG A 66 -10.19 6.43 12.15
N PHE A 67 -8.89 6.43 11.85
CA PHE A 67 -8.09 7.65 11.91
C PHE A 67 -8.69 8.75 11.03
N PHE A 68 -8.99 8.42 9.77
CA PHE A 68 -9.44 9.43 8.81
C PHE A 68 -10.89 9.81 9.07
N VAL A 69 -11.75 8.85 9.38
CA VAL A 69 -13.13 9.19 9.75
C VAL A 69 -13.15 10.15 10.93
N ASP A 70 -12.34 9.88 11.95
CA ASP A 70 -12.34 10.72 13.15
C ASP A 70 -11.82 12.13 12.88
N ARG A 71 -11.05 12.32 11.81
CA ARG A 71 -10.54 13.63 11.41
C ARG A 71 -11.36 14.29 10.32
N GLY A 72 -12.58 13.81 10.09
CA GLY A 72 -13.49 14.53 9.23
C GLY A 72 -13.47 14.14 7.77
N PHE A 73 -12.84 13.01 7.42
CA PHE A 73 -12.80 12.56 6.03
C PHE A 73 -13.88 11.51 5.77
N LEU A 74 -14.57 11.66 4.64
CA LEU A 74 -15.61 10.72 4.25
C LEU A 74 -15.00 9.43 3.68
N GLU A 75 -15.47 8.27 4.15
CA GLU A 75 -14.97 6.96 3.67
C GLU A 75 -15.64 6.60 2.35
N ILE A 76 -14.86 6.46 1.28
CA ILE A 76 -15.31 6.15 -0.06
C ILE A 76 -15.00 4.68 -0.34
N LYS A 77 -15.92 3.97 -1.00
CA LYS A 77 -15.64 2.66 -1.62
C LYS A 77 -16.11 2.72 -3.07
N SER A 78 -15.17 2.80 -3.99
CA SER A 78 -15.47 3.04 -5.38
C SER A 78 -15.05 1.83 -6.20
N PRO A 79 -15.41 1.76 -7.48
CA PRO A 79 -15.13 0.54 -8.23
C PRO A 79 -13.64 0.25 -8.38
N ILE A 80 -13.31 -1.04 -8.38
CA ILE A 80 -11.95 -1.48 -8.66
C ILE A 80 -11.76 -1.69 -10.16
N LEU A 81 -12.80 -2.20 -10.81
CA LEU A 81 -12.85 -2.39 -12.26
C LEU A 81 -13.38 -1.08 -12.83
N ILE A 82 -12.54 -0.36 -13.56
CA ILE A 82 -12.84 1.02 -13.99
C ILE A 82 -12.73 1.12 -15.51
N PRO A 83 -13.32 2.16 -16.09
CA PRO A 83 -13.14 2.37 -17.52
C PRO A 83 -11.70 2.67 -17.88
N LEU A 84 -11.21 2.02 -18.93
CA LEU A 84 -9.88 2.29 -19.42
C LEU A 84 -9.72 3.77 -19.77
N GLU A 85 -10.80 4.45 -20.18
CA GLU A 85 -10.73 5.85 -20.52
C GLU A 85 -10.23 6.70 -19.35
N TYR A 86 -10.44 6.26 -18.10
CA TYR A 86 -9.95 7.06 -16.98
C TYR A 86 -8.43 7.12 -16.97
N ILE A 87 -7.79 6.08 -17.47
CA ILE A 87 -6.32 6.06 -17.55
C ILE A 87 -5.82 7.17 -18.49
N GLU A 88 -6.34 7.21 -19.70
CA GLU A 88 -5.97 8.26 -20.64
C GLU A 88 -6.26 9.63 -20.07
N ARG A 89 -7.37 9.76 -19.35
CA ARG A 89 -7.77 11.06 -18.83
C ARG A 89 -6.91 11.52 -17.68
N MET A 90 -6.19 10.59 -17.04
CA MET A 90 -5.16 10.94 -16.06
C MET A 90 -3.90 11.46 -16.73
N GLY A 91 -3.88 11.57 -18.05
CA GLY A 91 -2.70 11.98 -18.79
C GLY A 91 -1.68 10.89 -18.94
N ILE A 92 -2.09 9.62 -18.87
CA ILE A 92 -1.20 8.49 -19.03
C ILE A 92 -1.33 8.02 -20.48
N ASP A 93 -0.36 8.42 -21.30
CA ASP A 93 -0.36 8.07 -22.73
C ASP A 93 -0.09 6.58 -22.90
N ASN A 94 -0.67 5.99 -23.94
CA ASN A 94 -0.61 4.53 -24.01
C ASN A 94 0.76 3.99 -24.42
N ASP A 95 1.73 4.84 -24.75
CA ASP A 95 3.09 4.37 -25.01
C ASP A 95 4.02 4.54 -23.81
N THR A 96 3.48 4.97 -22.68
CA THR A 96 4.28 5.21 -21.48
C THR A 96 4.44 3.94 -20.69
N GLU A 97 5.41 3.96 -19.78
CA GLU A 97 5.74 2.80 -18.97
C GLU A 97 4.58 2.45 -18.03
N LEU A 98 3.98 3.46 -17.40
CA LEU A 98 2.84 3.18 -16.52
C LEU A 98 1.69 2.57 -17.32
N SER A 99 1.44 3.09 -18.52
CA SER A 99 0.36 2.53 -19.33
C SER A 99 0.59 1.05 -19.59
N LYS A 100 1.85 0.64 -19.74
CA LYS A 100 2.16 -0.76 -19.97
C LYS A 100 1.96 -1.61 -18.72
N GLN A 101 1.78 -1.00 -17.56
CA GLN A 101 1.57 -1.72 -16.31
C GLN A 101 0.11 -2.05 -16.04
N ILE A 102 -0.82 -1.66 -16.92
CA ILE A 102 -2.25 -1.76 -16.64
C ILE A 102 -2.76 -3.16 -16.97
N PHE A 103 -3.51 -3.77 -16.06
CA PHE A 103 -4.23 -5.01 -16.37
C PHE A 103 -5.52 -4.63 -17.07
N ARG A 104 -5.64 -4.98 -18.34
CA ARG A 104 -6.84 -4.71 -19.10
C ARG A 104 -7.85 -5.82 -18.89
N VAL A 105 -9.13 -5.45 -18.88
CA VAL A 105 -10.23 -6.38 -18.75
C VAL A 105 -11.19 -6.08 -19.88
N ASP A 106 -11.51 -7.10 -20.66
CA ASP A 106 -12.37 -6.86 -21.82
C ASP A 106 -11.63 -5.85 -22.70
N LYS A 107 -12.35 -5.07 -23.49
CA LYS A 107 -11.65 -4.13 -24.36
C LYS A 107 -11.59 -2.73 -23.77
N ASN A 108 -12.54 -2.39 -22.92
CA ASN A 108 -12.74 -1.01 -22.50
C ASN A 108 -12.59 -0.79 -21.01
N PHE A 109 -12.15 -1.80 -20.25
CA PHE A 109 -12.00 -1.69 -18.80
C PHE A 109 -10.61 -2.12 -18.35
N CYS A 110 -10.30 -1.84 -17.09
CA CYS A 110 -9.05 -2.27 -16.52
C CYS A 110 -9.21 -2.36 -15.01
N LEU A 111 -8.26 -3.05 -14.39
CA LEU A 111 -8.14 -3.00 -12.95
C LEU A 111 -7.46 -1.69 -12.58
N ARG A 112 -8.03 -0.96 -11.66
CA ARG A 112 -7.46 0.36 -11.35
C ARG A 112 -6.01 0.26 -10.88
N PRO A 113 -5.10 1.06 -11.44
CA PRO A 113 -3.73 1.11 -10.91
C PRO A 113 -3.53 2.17 -9.83
N MET A 114 -4.55 2.98 -9.60
CA MET A 114 -4.46 4.11 -8.71
C MET A 114 -5.87 4.47 -8.31
N LEU A 115 -5.97 5.22 -7.22
CA LEU A 115 -7.28 5.67 -6.74
C LEU A 115 -7.67 7.06 -7.25
N ALA A 116 -6.74 7.82 -7.83
CA ALA A 116 -7.02 9.21 -8.18
C ALA A 116 -8.24 9.43 -9.07
N PRO A 117 -8.46 8.67 -10.14
CA PRO A 117 -9.61 8.99 -11.01
C PRO A 117 -10.92 8.98 -10.25
N ASN A 118 -11.19 7.91 -9.50
CA ASN A 118 -12.44 7.83 -8.74
C ASN A 118 -12.54 8.97 -7.72
N LEU A 119 -11.43 9.32 -7.07
CA LEU A 119 -11.49 10.42 -6.08
C LEU A 119 -11.68 11.76 -6.76
N TYR A 120 -11.11 11.96 -7.94
CA TYR A 120 -11.41 13.17 -8.70
C TYR A 120 -12.92 13.29 -8.95
N ASN A 121 -13.55 12.20 -9.39
CA ASN A 121 -14.99 12.26 -9.66
C ASN A 121 -15.80 12.52 -8.39
N TYR A 122 -15.43 11.89 -7.27
CA TYR A 122 -16.13 12.12 -6.02
C TYR A 122 -15.95 13.56 -5.54
N LEU A 123 -14.76 14.15 -5.70
CA LEU A 123 -14.57 15.55 -5.34
C LEU A 123 -15.48 16.45 -6.13
N ARG A 124 -15.54 16.25 -7.46
CA ARG A 124 -16.41 17.07 -8.29
C ARG A 124 -17.86 16.96 -7.88
N LYS A 125 -18.35 15.74 -7.68
CA LYS A 125 -19.76 15.55 -7.33
C LYS A 125 -20.09 16.07 -5.94
N LEU A 126 -19.23 15.81 -4.96
CA LEU A 126 -19.56 16.16 -3.58
C LEU A 126 -19.48 17.66 -3.37
N ASP A 127 -18.73 18.36 -4.21
CA ASP A 127 -18.63 19.83 -4.12
C ASP A 127 -19.96 20.51 -4.39
N ARG A 128 -20.91 19.81 -5.01
CA ARG A 128 -22.26 20.32 -5.17
C ARG A 128 -23.14 20.17 -3.92
N ALA A 129 -22.72 19.40 -2.91
CA ALA A 129 -23.52 19.11 -1.72
C ALA A 129 -22.85 19.47 -0.41
N LEU A 130 -21.57 19.32 -0.31
CA LEU A 130 -20.96 19.39 1.00
C LEU A 130 -20.24 20.72 1.23
N PRO A 131 -20.12 21.13 2.50
CA PRO A 131 -19.43 22.38 2.81
C PRO A 131 -17.92 22.27 2.68
N ASP A 132 -17.30 23.44 2.51
CA ASP A 132 -15.85 23.57 2.43
C ASP A 132 -15.22 23.40 3.82
N PRO A 133 -14.11 22.64 3.94
CA PRO A 133 -13.42 21.89 2.90
C PRO A 133 -14.00 20.47 2.73
N ILE A 134 -13.89 19.92 1.53
CA ILE A 134 -14.32 18.56 1.27
C ILE A 134 -13.14 17.63 1.50
N LYS A 135 -13.34 16.64 2.38
CA LYS A 135 -12.30 15.72 2.80
C LYS A 135 -12.80 14.30 2.60
N ILE A 136 -12.07 13.53 1.77
CA ILE A 136 -12.47 12.15 1.44
C ILE A 136 -11.25 11.23 1.47
N PHE A 137 -11.49 9.94 1.62
CA PHE A 137 -10.42 8.96 1.49
C PHE A 137 -10.99 7.62 1.04
N GLU A 138 -10.11 6.79 0.49
CA GLU A 138 -10.44 5.45 0.08
C GLU A 138 -9.26 4.52 0.36
N ILE A 139 -9.58 3.29 0.76
CA ILE A 139 -8.64 2.20 0.91
C ILE A 139 -9.16 1.05 0.08
N GLY A 140 -8.31 0.50 -0.78
CA GLY A 140 -8.67 -0.73 -1.43
C GLY A 140 -7.65 -1.22 -2.42
N PRO A 141 -7.99 -2.32 -3.08
CA PRO A 141 -7.07 -2.97 -4.01
C PRO A 141 -6.76 -2.10 -5.21
N CYS A 142 -5.50 -2.15 -5.63
CA CYS A 142 -5.00 -1.57 -6.86
C CYS A 142 -4.04 -2.57 -7.51
N TYR A 143 -3.83 -2.40 -8.82
CA TYR A 143 -3.15 -3.40 -9.63
C TYR A 143 -2.20 -2.76 -10.62
N ARG A 144 -0.95 -3.30 -10.69
CA ARG A 144 0.04 -2.85 -11.66
C ARG A 144 0.91 -4.04 -12.04
N LYS A 145 1.19 -4.21 -13.32
CA LYS A 145 2.20 -5.20 -13.69
C LYS A 145 3.58 -4.73 -13.24
N GLU A 146 4.34 -5.63 -12.60
CA GLU A 146 5.63 -5.29 -12.01
C GLU A 146 6.61 -6.43 -12.24
N SER A 147 7.89 -6.10 -12.21
CA SER A 147 8.92 -7.13 -12.20
C SER A 147 9.10 -7.68 -10.79
N ASP A 148 9.70 -8.87 -10.71
CA ASP A 148 9.89 -9.53 -9.43
C ASP A 148 10.86 -8.73 -8.57
N GLY A 149 10.37 -8.24 -7.44
CA GLY A 149 11.20 -7.46 -6.53
C GLY A 149 10.59 -7.46 -5.16
N LYS A 150 11.41 -7.08 -4.19
CA LYS A 150 11.00 -7.17 -2.80
C LYS A 150 10.21 -5.96 -2.32
N GLU A 151 10.01 -4.95 -3.17
CA GLU A 151 9.26 -3.75 -2.82
C GLU A 151 7.95 -3.60 -3.57
N HIS A 152 7.66 -4.44 -4.55
CA HIS A 152 6.50 -4.25 -5.41
C HIS A 152 5.64 -5.50 -5.43
N LEU A 153 4.34 -5.28 -5.51
CA LEU A 153 3.35 -6.33 -5.72
C LEU A 153 2.55 -5.97 -6.95
N GLU A 154 2.04 -6.97 -7.66
CA GLU A 154 1.10 -6.69 -8.73
C GLU A 154 -0.31 -6.39 -8.18
N GLU A 155 -0.67 -7.01 -7.06
CA GLU A 155 -1.94 -6.80 -6.37
C GLU A 155 -1.60 -6.22 -5.01
N PHE A 156 -1.91 -4.96 -4.81
CA PHE A 156 -1.58 -4.26 -3.58
C PHE A 156 -2.80 -3.48 -3.09
N THR A 157 -2.63 -2.82 -1.96
CA THR A 157 -3.70 -2.10 -1.31
C THR A 157 -3.24 -0.67 -1.11
N MET A 158 -4.00 0.30 -1.63
N MET A 158 -4.03 0.28 -1.61
CA MET A 158 -3.67 1.72 -1.51
CA MET A 158 -3.75 1.71 -1.52
C MET A 158 -4.67 2.46 -0.62
C MET A 158 -4.70 2.38 -0.52
N LEU A 159 -4.16 3.34 0.22
CA LEU A 159 -4.93 4.38 0.88
C LEU A 159 -4.69 5.64 0.09
N ALA A 160 -5.73 6.39 -0.23
CA ALA A 160 -5.51 7.73 -0.74
C ALA A 160 -6.49 8.66 -0.05
N PHE A 161 -6.03 9.84 0.32
CA PHE A 161 -6.92 10.85 0.85
C PHE A 161 -6.76 12.14 0.06
N ALA A 162 -7.81 12.96 0.11
CA ALA A 162 -7.74 14.26 -0.54
C ALA A 162 -8.57 15.25 0.23
N GLN A 163 -8.11 16.52 0.20
CA GLN A 163 -8.87 17.63 0.73
C GLN A 163 -8.96 18.70 -0.35
N MET A 164 -10.12 19.35 -0.48
CA MET A 164 -10.35 20.30 -1.57
C MET A 164 -11.07 21.51 -1.01
N GLY A 165 -10.53 22.68 -1.32
CA GLY A 165 -11.11 23.95 -0.93
C GLY A 165 -10.13 24.71 -0.07
N SER A 166 -10.58 25.15 1.10
CA SER A 166 -9.70 25.80 2.05
C SER A 166 -8.73 24.78 2.68
N GLY A 167 -7.65 25.31 3.25
CA GLY A 167 -6.73 24.49 4.01
C GLY A 167 -5.80 23.63 3.18
N CYS A 168 -5.66 23.94 1.89
CA CYS A 168 -4.96 23.04 0.97
C CYS A 168 -3.58 23.60 0.66
N THR A 169 -2.78 23.64 1.72
CA THR A 169 -1.40 24.10 1.71
C THR A 169 -0.45 22.92 1.91
N ARG A 170 0.79 23.12 1.46
CA ARG A 170 1.83 22.13 1.73
C ARG A 170 1.99 21.91 3.23
N GLU A 171 1.88 22.96 4.03
CA GLU A 171 2.02 22.81 5.46
C GLU A 171 0.95 21.88 6.03
N ASN A 172 -0.32 22.08 5.62
CA ASN A 172 -1.38 21.20 6.14
C ASN A 172 -1.20 19.77 5.65
N LEU A 173 -0.85 19.60 4.37
CA LEU A 173 -0.55 18.27 3.85
C LEU A 173 0.54 17.57 4.64
N GLU A 174 1.66 18.22 4.86
CA GLU A 174 2.71 17.58 5.64
C GLU A 174 2.23 17.29 7.05
N SER A 175 1.40 18.18 7.62
N SER A 175 1.42 18.20 7.62
CA SER A 175 0.95 17.97 8.99
CA SER A 175 0.91 18.00 8.97
C SER A 175 0.03 16.76 9.10
C SER A 175 0.06 16.74 9.07
N ILE A 176 -0.80 16.52 8.07
CA ILE A 176 -1.67 15.33 8.07
C ILE A 176 -0.83 14.07 7.96
N ILE A 177 0.13 14.08 7.02
CA ILE A 177 1.03 12.95 6.84
C ILE A 177 1.75 12.65 8.15
N THR A 178 2.27 13.69 8.80
CA THR A 178 3.03 13.52 10.04
C THR A 178 2.14 12.94 11.12
N ASP A 179 0.92 13.47 11.27
CA ASP A 179 0.01 12.93 12.28
C ASP A 179 -0.32 11.47 12.00
N PHE A 180 -0.54 11.13 10.73
CA PHE A 180 -0.86 9.76 10.33
C PHE A 180 0.28 8.79 10.64
N LEU A 181 1.49 9.13 10.20
CA LEU A 181 2.61 8.20 10.38
C LEU A 181 3.06 8.17 11.83
N ASN A 182 2.91 9.27 12.56
CA ASN A 182 3.09 9.21 14.01
C ASN A 182 2.12 8.21 14.64
N HIS A 183 0.85 8.26 14.22
CA HIS A 183 -0.17 7.35 14.74
C HIS A 183 0.25 5.91 14.53
N LEU A 184 0.82 5.62 13.37
CA LEU A 184 1.27 4.27 13.05
C LEU A 184 2.63 3.94 13.66
N GLY A 185 3.33 4.93 14.21
CA GLY A 185 4.66 4.70 14.76
C GLY A 185 5.74 4.49 13.73
N ILE A 186 5.65 5.14 12.57
CA ILE A 186 6.58 4.95 11.47
C ILE A 186 7.36 6.24 11.25
N ASP A 187 8.69 6.15 11.34
CA ASP A 187 9.57 7.27 11.05
C ASP A 187 9.66 7.49 9.55
N PHE A 188 9.87 8.75 9.16
CA PHE A 188 9.93 9.05 7.74
C PHE A 188 10.60 10.40 7.53
N LYS A 189 10.91 10.66 6.26
CA LYS A 189 11.32 11.98 5.79
C LYS A 189 10.57 12.30 4.51
N ILE A 190 10.57 13.58 4.14
CA ILE A 190 9.91 14.03 2.92
C ILE A 190 10.95 14.56 1.94
N VAL A 191 10.85 14.12 0.68
CA VAL A 191 11.79 14.49 -0.38
C VAL A 191 10.99 14.91 -1.60
N GLY A 192 11.36 16.02 -2.22
CA GLY A 192 10.68 16.44 -3.46
C GLY A 192 11.14 15.58 -4.65
N ASP A 193 10.21 15.32 -5.57
CA ASP A 193 10.56 14.63 -6.81
C ASP A 193 9.65 15.13 -7.92
N SER A 194 9.97 14.75 -9.14
CA SER A 194 9.17 15.01 -10.32
C SER A 194 8.29 13.79 -10.61
N CYS A 195 7.21 14.03 -11.35
CA CYS A 195 6.22 13.00 -11.62
C CYS A 195 5.53 13.34 -12.94
N MET A 196 5.40 12.37 -13.83
CA MET A 196 4.83 12.69 -15.13
C MET A 196 3.31 12.91 -15.05
N VAL A 197 2.65 12.31 -14.07
CA VAL A 197 1.20 12.47 -13.98
C VAL A 197 0.85 13.80 -13.31
N TYR A 198 1.49 14.10 -12.18
CA TYR A 198 1.07 15.22 -11.36
C TYR A 198 2.00 16.41 -11.42
N GLY A 199 3.17 16.27 -12.05
CA GLY A 199 4.17 17.32 -12.05
C GLY A 199 5.19 17.08 -10.95
N ASP A 200 5.17 17.92 -9.92
CA ASP A 200 6.03 17.76 -8.78
C ASP A 200 5.28 17.12 -7.63
N THR A 201 5.92 16.18 -6.95
CA THR A 201 5.35 15.51 -5.80
C THR A 201 6.25 15.71 -4.58
N LEU A 202 5.69 15.35 -3.44
CA LEU A 202 6.46 15.13 -2.22
C LEU A 202 6.44 13.63 -1.98
N ASP A 203 7.63 13.02 -1.93
CA ASP A 203 7.73 11.60 -1.65
C ASP A 203 8.02 11.39 -0.17
N VAL A 204 7.23 10.52 0.45
CA VAL A 204 7.34 10.17 1.85
C VAL A 204 8.18 8.91 1.93
N MET A 205 9.37 9.03 2.50
CA MET A 205 10.39 7.99 2.43
C MET A 205 10.67 7.39 3.81
N HIS A 206 10.85 6.08 3.85
CA HIS A 206 11.39 5.41 5.03
C HIS A 206 12.68 4.77 4.54
N GLY A 207 13.80 5.41 4.85
CA GLY A 207 15.05 5.00 4.22
C GLY A 207 14.93 5.12 2.70
N ASP A 208 15.24 4.03 1.99
CA ASP A 208 15.15 4.04 0.53
C ASP A 208 13.78 3.62 0.01
N LEU A 209 12.82 3.36 0.89
CA LEU A 209 11.51 2.84 0.51
C LEU A 209 10.50 3.98 0.45
N GLU A 210 9.82 4.10 -0.69
CA GLU A 210 8.76 5.10 -0.82
C GLU A 210 7.49 4.58 -0.16
N LEU A 211 7.04 5.23 0.91
CA LEU A 211 5.75 4.91 1.50
C LEU A 211 4.58 5.58 0.78
N SER A 212 4.79 6.79 0.26
CA SER A 212 3.71 7.58 -0.30
C SER A 212 4.27 8.60 -1.28
N SER A 213 3.43 8.99 -2.23
CA SER A 213 3.60 10.22 -2.98
C SER A 213 2.40 11.13 -2.70
N ALA A 214 2.68 12.42 -2.56
CA ALA A 214 1.68 13.40 -2.19
C ALA A 214 1.81 14.58 -3.13
N VAL A 215 0.70 15.29 -3.30
CA VAL A 215 0.59 16.36 -4.29
C VAL A 215 -0.10 17.57 -3.66
N VAL A 216 0.45 18.77 -3.91
CA VAL A 216 -0.23 20.03 -3.61
C VAL A 216 -0.76 20.56 -4.92
N GLY A 217 -2.09 20.57 -5.07
CA GLY A 217 -2.71 21.17 -6.23
C GLY A 217 -2.93 22.65 -6.00
N PRO A 218 -3.56 23.32 -6.94
CA PRO A 218 -4.13 22.77 -8.18
C PRO A 218 -3.05 22.45 -9.22
N ILE A 219 -3.39 21.62 -10.19
CA ILE A 219 -2.50 21.24 -11.28
C ILE A 219 -3.25 21.29 -12.59
N PRO A 220 -2.53 21.36 -13.73
CA PRO A 220 -3.23 21.45 -15.02
C PRO A 220 -4.17 20.27 -15.29
N LEU A 221 -3.91 19.10 -14.71
CA LEU A 221 -4.77 17.95 -14.95
C LEU A 221 -6.19 18.19 -14.43
N ASP A 222 -6.34 19.06 -13.43
CA ASP A 222 -7.64 19.20 -12.76
C ASP A 222 -8.76 19.53 -13.75
N ARG A 223 -8.47 20.36 -14.79
CA ARG A 223 -9.49 20.78 -15.74
C ARG A 223 -10.18 19.58 -16.38
N GLU A 224 -9.44 18.52 -16.65
CA GLU A 224 -9.99 17.36 -17.33
C GLU A 224 -10.99 16.60 -16.46
N TRP A 225 -10.97 16.83 -15.15
CA TRP A 225 -11.88 16.20 -14.20
C TRP A 225 -12.91 17.18 -13.66
N GLY A 226 -12.96 18.40 -14.18
CA GLY A 226 -13.94 19.33 -13.68
C GLY A 226 -13.65 19.89 -12.32
N ILE A 227 -12.39 19.89 -11.92
CA ILE A 227 -11.93 20.44 -10.66
C ILE A 227 -11.29 21.80 -10.96
N ASP A 228 -11.66 22.82 -10.18
CA ASP A 228 -11.03 24.13 -10.33
C ASP A 228 -10.68 24.80 -9.00
N LYS A 229 -10.65 24.06 -7.90
CA LYS A 229 -10.28 24.57 -6.58
C LYS A 229 -8.95 24.00 -6.15
N PRO A 230 -8.33 24.58 -5.14
CA PRO A 230 -7.11 24.00 -4.58
C PRO A 230 -7.44 22.67 -3.93
N TRP A 231 -6.44 21.81 -3.87
CA TRP A 231 -6.58 20.52 -3.21
C TRP A 231 -5.20 20.01 -2.79
N ILE A 232 -5.23 19.06 -1.86
CA ILE A 232 -4.03 18.34 -1.43
C ILE A 232 -4.41 16.88 -1.33
N GLY A 233 -3.44 16.02 -1.54
CA GLY A 233 -3.75 14.62 -1.40
C GLY A 233 -2.51 13.76 -1.36
N ALA A 234 -2.70 12.51 -0.94
CA ALA A 234 -1.59 11.57 -0.87
C ALA A 234 -2.06 10.14 -1.02
N GLY A 235 -1.19 9.31 -1.53
CA GLY A 235 -1.45 7.89 -1.61
C GLY A 235 -0.35 7.07 -0.96
N PHE A 236 -0.76 6.02 -0.23
CA PHE A 236 0.12 5.16 0.52
C PHE A 236 -0.17 3.70 0.24
N GLY A 237 0.88 2.90 0.12
CA GLY A 237 0.73 1.46 0.02
C GLY A 237 0.65 0.78 1.38
N LEU A 238 -0.44 0.03 1.66
CA LEU A 238 -0.58 -0.57 2.97
C LEU A 238 0.43 -1.70 3.19
N GLU A 239 0.73 -2.48 2.15
CA GLU A 239 1.72 -3.54 2.30
C GLU A 239 3.08 -2.95 2.62
N ARG A 240 3.41 -1.77 2.09
CA ARG A 240 4.68 -1.13 2.45
C ARG A 240 4.68 -0.69 3.91
N LEU A 241 3.55 -0.14 4.39
CA LEU A 241 3.49 0.22 5.79
C LEU A 241 3.71 -1.02 6.65
N LEU A 242 3.09 -2.15 6.31
CA LEU A 242 3.28 -3.37 7.08
C LEU A 242 4.71 -3.89 6.99
N LYS A 243 5.31 -3.83 5.79
CA LYS A 243 6.72 -4.21 5.66
C LYS A 243 7.61 -3.45 6.63
N VAL A 244 7.37 -2.14 6.78
CA VAL A 244 8.17 -1.36 7.72
C VAL A 244 7.83 -1.72 9.15
N LYS A 245 6.55 -1.77 9.47
CA LYS A 245 6.12 -2.05 10.83
C LYS A 245 6.71 -3.36 11.35
N HIS A 246 6.73 -4.40 10.51
CA HIS A 246 7.08 -5.74 10.97
C HIS A 246 8.48 -6.16 10.52
N ASP A 247 9.20 -5.28 9.83
CA ASP A 247 10.58 -5.54 9.38
C ASP A 247 10.66 -6.75 8.46
N PHE A 248 9.65 -6.90 7.61
CA PHE A 248 9.70 -7.96 6.62
C PHE A 248 10.81 -7.69 5.59
N LYS A 249 11.49 -8.75 5.17
CA LYS A 249 12.51 -8.58 4.14
C LYS A 249 11.91 -8.44 2.74
N ASN A 250 10.74 -9.02 2.49
CA ASN A 250 10.11 -8.96 1.18
C ASN A 250 8.65 -8.60 1.40
N ILE A 251 8.14 -7.68 0.58
CA ILE A 251 6.77 -7.21 0.69
C ILE A 251 5.75 -8.32 0.47
N LYS A 252 6.14 -9.44 -0.18
CA LYS A 252 5.19 -10.55 -0.35
C LYS A 252 4.65 -11.01 0.98
N ARG A 253 5.39 -10.79 2.08
CA ARG A 253 4.96 -11.27 3.37
C ARG A 253 3.72 -10.57 3.87
N ALA A 254 3.46 -9.35 3.37
CA ALA A 254 2.35 -8.53 3.79
C ALA A 254 1.16 -8.56 2.83
N ALA A 255 1.28 -9.22 1.68
CA ALA A 255 0.27 -9.15 0.63
C ALA A 255 -0.91 -10.06 0.91
N ARG A 256 -2.03 -9.76 0.25
CA ARG A 256 -3.08 -10.75 0.02
C ARG A 256 -2.42 -11.98 -0.56
N SER A 257 -2.65 -13.13 0.06
CA SER A 257 -1.76 -14.22 -0.29
C SER A 257 -2.39 -15.52 0.12
N GLU A 258 -2.03 -16.56 -0.63
CA GLU A 258 -2.21 -17.92 -0.20
C GLU A 258 -0.98 -18.45 0.51
N SER A 259 0.15 -17.76 0.38
CA SER A 259 1.44 -18.29 0.84
C SER A 259 1.86 -17.80 2.22
N TYR A 260 1.24 -16.73 2.73
CA TYR A 260 1.60 -16.17 4.03
C TYR A 260 0.34 -15.68 4.71
N TYR A 261 0.29 -15.90 6.02
CA TYR A 261 -0.75 -15.36 6.87
C TYR A 261 -0.06 -14.51 7.91
N ASN A 262 -0.35 -13.20 7.90
CA ASN A 262 0.31 -12.29 8.83
C ASN A 262 1.83 -12.52 8.84
N GLY A 263 2.38 -12.72 7.65
CA GLY A 263 3.81 -12.86 7.50
C GLY A 263 4.35 -14.23 7.87
N ILE A 264 3.50 -15.19 8.17
CA ILE A 264 3.91 -16.54 8.53
C ILE A 264 3.61 -17.43 7.35
N SER A 265 4.60 -18.23 6.93
CA SER A 265 4.37 -19.17 5.84
C SER A 265 3.21 -20.11 6.14
N THR A 266 2.35 -20.30 5.14
CA THR A 266 1.29 -21.29 5.20
C THR A 266 1.66 -22.63 4.60
N ASN A 267 2.89 -22.75 4.09
CA ASN A 267 3.39 -23.97 3.45
C ASN A 267 4.30 -24.62 4.47
N LEU A 268 3.74 -25.48 5.30
CA LEU A 268 4.45 -26.06 6.43
C LEU A 268 4.76 -27.55 6.25
N HIS A 269 4.96 -27.96 5.01
CA HIS A 269 5.42 -29.31 4.67
C HIS A 269 6.93 -29.43 4.87
N HIS A 270 7.42 -30.67 4.90
CA HIS A 270 8.85 -30.94 4.95
C HIS A 270 9.42 -30.93 3.53
N HIS A 271 10.63 -30.40 3.40
CA HIS A 271 11.33 -30.30 2.13
C HIS A 271 12.18 -31.55 1.94
N HIS A 272 12.05 -32.19 0.79
CA HIS A 272 12.92 -33.32 0.44
C HIS A 272 13.59 -33.04 -0.89
PG ANP B . 7.81 3.07 -6.84
O1G ANP B . 8.90 4.01 -7.32
O2G ANP B . 7.40 2.08 -8.00
O3G ANP B . 8.34 2.32 -5.55
PB ANP B . 5.40 4.61 -7.42
O1B ANP B . 5.84 6.01 -7.74
O2B ANP B . 5.28 3.73 -8.70
N3B ANP B . 6.43 3.91 -6.29
PA ANP B . 2.85 5.77 -6.76
O1A ANP B . 3.37 7.07 -6.17
O2A ANP B . 2.32 5.79 -8.13
O3A ANP B . 4.00 4.63 -6.72
O5' ANP B . 1.77 5.12 -5.77
C5' ANP B . 1.49 5.57 -4.43
C4' ANP B . 1.97 4.56 -3.40
O4' ANP B . 1.35 3.28 -3.64
C3' ANP B . 3.45 4.26 -3.40
O3' ANP B . 4.17 5.25 -2.65
C2' ANP B . 3.51 2.90 -2.73
O2' ANP B . 3.47 3.01 -1.31
C1' ANP B . 2.24 2.24 -3.27
N9 ANP B . 2.50 1.36 -4.42
C8 ANP B . 2.58 1.73 -5.75
N7 ANP B . 2.86 0.73 -6.56
C5 ANP B . 2.98 -0.36 -5.69
C6 ANP B . 3.23 -1.73 -5.94
N6 ANP B . 3.44 -2.25 -7.14
N1 ANP B . 3.29 -2.54 -4.86
C2 ANP B . 3.09 -2.03 -3.64
N3 ANP B . 2.82 -0.77 -3.30
C4 ANP B . 2.77 0.02 -4.38
HNB1 ANP B . 6.69 4.54 -5.68
H5'1 ANP B . 0.53 5.71 -4.33
H5'2 ANP B . 1.95 6.43 -4.27
H4' ANP B . 1.70 4.84 -2.50
H3' ANP B . 3.77 4.20 -4.30
HO3' ANP B . 4.85 5.55 -3.14
H2' ANP B . 4.27 2.39 -3.03
HO2' ANP B . 3.46 3.87 -1.09
H1' ANP B . 1.85 1.71 -2.56
H8 ANP B . 2.45 2.62 -6.05
HN61 ANP B . 3.48 -1.70 -7.88
HN62 ANP B . 3.53 -3.16 -7.23
H2 ANP B . 3.13 -2.67 -2.91
MG MG C . 5.77 7.79 -6.29
MG MG D . 6.26 2.13 -9.81
#